data_1U5J
#
_entry.id   1U5J
#
_cell.length_a   95.680
_cell.length_b   147.042
_cell.length_c   78.812
_cell.angle_alpha   90.00
_cell.angle_beta   90.00
_cell.angle_gamma   90.00
#
_symmetry.space_group_name_H-M   'C 2 2 21'
#
loop_
_entity.id
_entity.type
_entity.pdbx_description
1 polymer 'transcarboxylase 5S subunit'
2 non-polymer 'COBALT (II) ION'
3 water water
#
_entity_poly.entity_id   1
_entity_poly.type   'polypeptide(L)'
_entity_poly.pdbx_seq_one_letter_code
;MAISRELVDPNSSPREIEVSEPREVGITELVLRDAHQSLMATRMAMEDMVGACADIDAAGYWSVECWGGATYDSCIRFLN
EDPWERLRTFRKLMPNSRLQMLLRGQNLLGYRHYNDEVVDRFVDKSAENGMDVFRVFDAMNDPRNMAHAMAAVKKAGKHA
QGTICYTISPVHTVEGYVKLAGQLLDMGADSIAL(KCX)DIAALLKPQPAYDIIKAIKDTYGQKTQINLHCHSTTGVTEV
SLMKAIEAGVDVVDTAISSMSLGPGHNPTESVAEMLEGTGYTTNLDYDRLHKIRDHFKAIRPKYKKFESKTLVDTSIFKS
QIPGGMLSNMESQLRAQGAEDKMDEVMAEVPRVRKAAGFPPLVTPSSQIVGTQAVFNVMMGEYKRMTGEFADIMLGYYGA
SPADRDPKVVKLAEEQSGKKPITQRPADLLPPEWEKQSKEAATLKGFNGTDEDVLTYALFPQVAPVFFEHRAEGPHSVAL
TDAQLKAEAEGDEKSLAVAGPVTYNVNVGGTVREVTVQQATRASQPELAPEDPEDLEHHHHHH
;
_entity_poly.pdbx_strand_id   A
#
loop_
_chem_comp.id
_chem_comp.type
_chem_comp.name
_chem_comp.formula
CO non-polymer 'COBALT (II) ION' 'Co 2'
#
# COMPACT_ATOMS: atom_id res chain seq x y z
N ARG A 15 -38.31 -4.95 5.24
CA ARG A 15 -37.16 -4.59 6.10
C ARG A 15 -36.74 -3.13 5.93
N GLU A 16 -36.03 -2.63 6.94
CA GLU A 16 -35.56 -1.24 6.98
C GLU A 16 -34.03 -1.23 7.14
N ILE A 17 -33.35 -0.35 6.42
CA ILE A 17 -31.89 -0.22 6.52
C ILE A 17 -31.55 1.24 6.85
N GLU A 18 -30.97 1.47 8.02
CA GLU A 18 -30.63 2.83 8.44
C GLU A 18 -29.45 3.34 7.61
N VAL A 19 -29.61 4.50 6.97
CA VAL A 19 -28.51 5.05 6.16
C VAL A 19 -28.14 6.45 6.68
N SER A 20 -26.94 6.91 6.34
CA SER A 20 -26.44 8.21 6.83
C SER A 20 -27.18 9.37 6.16
N GLU A 21 -27.12 10.55 6.77
CA GLU A 21 -27.82 11.72 6.23
C GLU A 21 -27.13 12.22 4.96
N PRO A 22 -27.83 13.05 4.18
CA PRO A 22 -27.31 13.61 2.93
C PRO A 22 -26.02 14.38 3.21
N ARG A 23 -25.01 14.23 2.36
CA ARG A 23 -23.75 14.94 2.61
C ARG A 23 -22.78 14.79 1.42
N GLU A 24 -21.72 15.58 1.47
CA GLU A 24 -20.69 15.49 0.42
C GLU A 24 -19.78 14.33 0.80
N VAL A 25 -19.33 13.58 -0.18
CA VAL A 25 -18.38 12.50 0.07
C VAL A 25 -17.05 12.97 -0.51
N GLY A 26 -15.96 12.69 0.18
CA GLY A 26 -14.69 13.13 -0.33
C GLY A 26 -14.09 12.09 -1.24
N ILE A 27 -13.30 12.51 -2.21
CA ILE A 27 -12.68 11.53 -3.11
C ILE A 27 -11.17 11.75 -3.12
N THR A 28 -10.42 10.66 -3.15
CA THR A 28 -8.95 10.73 -3.24
C THR A 28 -8.56 10.10 -4.58
N GLU A 29 -7.94 10.89 -5.44
CA GLU A 29 -7.49 10.40 -6.75
C GLU A 29 -6.20 9.62 -6.54
N LEU A 30 -6.07 8.47 -7.19
CA LEU A 30 -4.89 7.61 -7.00
C LEU A 30 -4.10 7.45 -8.30
N VAL A 31 -4.53 8.09 -9.38
CA VAL A 31 -3.84 7.89 -10.66
C VAL A 31 -2.34 8.21 -10.57
N LEU A 32 -1.96 9.17 -9.75
CA LEU A 32 -0.55 9.56 -9.68
C LEU A 32 0.30 8.61 -8.84
N ARG A 33 -0.27 7.54 -8.31
CA ARG A 33 0.59 6.66 -7.49
C ARG A 33 0.11 5.21 -7.51
N ASP A 34 -0.97 4.88 -6.76
CA ASP A 34 -1.44 3.49 -6.67
C ASP A 34 -1.99 2.95 -7.99
N ALA A 35 -2.68 3.77 -8.75
CA ALA A 35 -3.22 3.30 -10.03
C ALA A 35 -2.15 2.68 -10.91
N HIS A 36 -1.12 3.46 -11.28
CA HIS A 36 -0.08 2.94 -12.17
C HIS A 36 0.78 1.89 -11.46
N GLN A 37 0.88 1.96 -10.13
CA GLN A 37 1.66 0.94 -9.41
C GLN A 37 0.93 -0.40 -9.51
N SER A 38 -0.39 -0.36 -9.51
CA SER A 38 -1.22 -1.58 -9.53
C SER A 38 -1.45 -2.11 -10.94
N LEU A 39 -1.57 -1.21 -11.92
CA LEU A 39 -1.85 -1.67 -13.29
C LEU A 39 -0.60 -1.78 -14.16
N MET A 40 0.40 -0.89 -13.98
CA MET A 40 1.59 -0.94 -14.85
C MET A 40 2.91 -0.99 -14.08
N ALA A 41 2.95 -1.73 -12.97
CA ALA A 41 4.14 -1.97 -12.14
C ALA A 41 4.88 -0.69 -11.73
N THR A 42 4.14 0.36 -11.38
CA THR A 42 4.76 1.62 -10.93
C THR A 42 5.69 2.21 -11.99
N ARG A 43 5.60 1.74 -13.23
CA ARG A 43 6.51 2.21 -14.29
C ARG A 43 6.15 3.58 -14.86
N MET A 44 5.01 4.16 -14.49
CA MET A 44 4.59 5.47 -15.03
C MET A 44 5.70 6.52 -14.88
N ALA A 45 6.00 7.23 -15.97
CA ALA A 45 7.06 8.24 -15.99
C ALA A 45 6.52 9.60 -15.53
N MET A 46 7.41 10.45 -15.03
CA MET A 46 6.99 11.76 -14.52
C MET A 46 6.59 12.71 -15.65
N GLU A 47 7.28 12.69 -16.79
CA GLU A 47 6.89 13.59 -17.88
C GLU A 47 5.50 13.21 -18.38
N ASP A 48 5.18 11.92 -18.27
CA ASP A 48 3.87 11.41 -18.71
C ASP A 48 2.78 11.82 -17.73
N MET A 49 3.14 12.32 -16.54
CA MET A 49 2.12 12.67 -15.53
C MET A 49 1.89 14.17 -15.36
N VAL A 50 2.96 14.95 -15.24
CA VAL A 50 2.90 16.39 -14.97
C VAL A 50 1.85 17.13 -15.81
N GLY A 51 1.56 16.65 -17.00
CA GLY A 51 0.57 17.33 -17.81
C GLY A 51 -0.86 17.38 -17.28
N ALA A 52 -1.16 16.52 -16.31
CA ALA A 52 -2.51 16.44 -15.73
C ALA A 52 -2.53 17.08 -14.34
N CYS A 53 -1.39 17.58 -13.88
CA CYS A 53 -1.34 18.12 -12.51
C CYS A 53 -2.28 19.32 -12.34
N ALA A 54 -2.21 20.28 -13.22
CA ALA A 54 -3.08 21.46 -13.11
C ALA A 54 -4.54 21.04 -13.02
N ASP A 55 -5.00 20.19 -13.94
CA ASP A 55 -6.40 19.77 -13.92
C ASP A 55 -6.70 19.03 -12.62
N ILE A 56 -5.82 18.11 -12.24
CA ILE A 56 -6.01 17.35 -11.00
C ILE A 56 -6.13 18.30 -9.81
N ASP A 57 -5.32 19.35 -9.83
CA ASP A 57 -5.31 20.32 -8.74
C ASP A 57 -6.66 21.05 -8.68
N ALA A 58 -7.25 21.29 -9.84
CA ALA A 58 -8.52 22.02 -9.89
C ALA A 58 -9.73 21.07 -9.88
N ALA A 59 -9.49 19.76 -9.84
CA ALA A 59 -10.60 18.81 -9.88
C ALA A 59 -11.52 18.94 -8.66
N GLY A 60 -10.97 19.02 -7.45
CA GLY A 60 -11.80 19.14 -6.26
C GLY A 60 -11.73 17.94 -5.35
N TYR A 61 -10.61 17.23 -5.41
CA TYR A 61 -10.35 16.02 -4.63
C TYR A 61 -10.09 16.34 -3.16
N TRP A 62 -10.41 15.41 -2.28
CA TRP A 62 -10.13 15.61 -0.86
C TRP A 62 -8.60 15.57 -0.69
N SER A 63 -7.97 14.62 -1.37
CA SER A 63 -6.51 14.46 -1.32
C SER A 63 -6.03 13.81 -2.62
N VAL A 64 -4.77 13.99 -2.95
CA VAL A 64 -4.17 13.40 -4.16
C VAL A 64 -2.99 12.51 -3.76
N GLU A 65 -3.16 11.21 -3.87
CA GLU A 65 -2.05 10.31 -3.50
C GLU A 65 -1.01 10.38 -4.62
N CYS A 66 0.16 10.94 -4.36
CA CYS A 66 1.15 11.04 -5.43
C CYS A 66 2.54 10.60 -4.98
N TRP A 67 2.65 9.81 -3.91
CA TRP A 67 3.97 9.39 -3.43
C TRP A 67 3.84 8.20 -2.48
N GLY A 68 4.98 7.60 -2.12
CA GLY A 68 4.95 6.46 -1.21
C GLY A 68 4.88 5.16 -1.97
N GLY A 69 4.41 4.09 -1.36
CA GLY A 69 4.33 2.83 -2.07
C GLY A 69 5.63 2.49 -2.78
N ALA A 70 5.55 1.80 -3.91
CA ALA A 70 6.75 1.37 -4.63
C ALA A 70 7.26 2.46 -5.59
N THR A 71 6.69 3.65 -5.52
CA THR A 71 7.14 4.71 -6.44
C THR A 71 8.55 5.17 -6.05
N TYR A 72 8.84 5.20 -4.76
CA TYR A 72 10.17 5.62 -4.31
C TYR A 72 11.20 4.71 -4.96
N ASP A 73 10.96 3.40 -4.87
CA ASP A 73 11.86 2.39 -5.44
C ASP A 73 11.85 2.48 -6.97
N SER A 74 10.67 2.54 -7.57
CA SER A 74 10.64 2.52 -9.03
C SER A 74 11.29 3.77 -9.63
N CYS A 75 11.33 4.85 -8.87
CA CYS A 75 11.94 6.07 -9.40
C CYS A 75 13.45 5.88 -9.53
N ILE A 76 14.06 5.30 -8.51
CA ILE A 76 15.52 5.17 -8.53
C ILE A 76 15.96 3.86 -9.20
N ARG A 77 15.12 2.83 -9.15
CA ARG A 77 15.54 1.53 -9.68
C ARG A 77 15.30 1.41 -11.19
N PHE A 78 14.26 2.08 -11.72
CA PHE A 78 13.97 1.88 -13.15
C PHE A 78 13.85 3.18 -13.94
N LEU A 79 13.62 4.30 -13.27
CA LEU A 79 13.40 5.56 -14.02
C LEU A 79 14.56 6.53 -13.87
N ASN A 80 15.56 6.18 -13.06
CA ASN A 80 16.69 7.09 -12.84
C ASN A 80 16.12 8.47 -12.49
N GLU A 81 15.14 8.46 -11.60
CA GLU A 81 14.47 9.70 -11.16
C GLU A 81 14.66 9.84 -9.65
N ASP A 82 14.69 11.07 -9.17
CA ASP A 82 14.85 11.32 -7.73
C ASP A 82 13.45 11.51 -7.12
N PRO A 83 13.01 10.57 -6.28
CA PRO A 83 11.69 10.64 -5.65
C PRO A 83 11.42 12.02 -5.01
N TRP A 84 12.41 12.54 -4.32
CA TRP A 84 12.27 13.85 -3.66
C TRP A 84 12.07 14.94 -4.70
N GLU A 85 12.60 14.72 -5.90
CA GLU A 85 12.43 15.73 -6.94
C GLU A 85 10.99 15.61 -7.48
N ARG A 86 10.51 14.37 -7.56
CA ARG A 86 9.15 14.09 -8.01
C ARG A 86 8.16 14.76 -7.06
N LEU A 87 8.41 14.62 -5.76
CA LEU A 87 7.55 15.24 -4.74
C LEU A 87 7.61 16.76 -4.83
N ARG A 88 8.81 17.33 -4.86
CA ARG A 88 8.93 18.79 -4.94
C ARG A 88 8.22 19.32 -6.18
N THR A 89 8.20 18.52 -7.24
CA THR A 89 7.51 19.00 -8.46
C THR A 89 6.00 18.92 -8.26
N PHE A 90 5.51 17.78 -7.76
CA PHE A 90 4.06 17.64 -7.54
C PHE A 90 3.59 18.74 -6.59
N ARG A 91 4.40 19.01 -5.57
CA ARG A 91 4.05 20.04 -4.59
C ARG A 91 3.87 21.39 -5.31
N LYS A 92 4.74 21.64 -6.28
CA LYS A 92 4.77 22.91 -7.03
C LYS A 92 3.65 23.00 -8.08
N LEU A 93 3.36 21.89 -8.74
CA LEU A 93 2.35 21.85 -9.81
C LEU A 93 0.92 21.71 -9.26
N MET A 94 0.76 21.22 -8.05
CA MET A 94 -0.58 21.12 -7.44
C MET A 94 -0.53 21.85 -6.09
N PRO A 95 -0.40 23.17 -6.14
CA PRO A 95 -0.32 24.02 -4.95
C PRO A 95 -1.54 24.16 -4.04
N ASN A 96 -2.72 23.80 -4.53
CA ASN A 96 -3.91 23.95 -3.69
C ASN A 96 -4.36 22.60 -3.13
N SER A 97 -3.66 21.53 -3.52
CA SER A 97 -4.14 20.19 -3.16
C SER A 97 -3.43 19.59 -1.95
N ARG A 98 -4.15 18.69 -1.28
CA ARG A 98 -3.61 17.93 -0.15
C ARG A 98 -2.89 16.71 -0.74
N LEU A 99 -1.57 16.74 -0.73
CA LEU A 99 -0.80 15.60 -1.22
C LEU A 99 -0.90 14.47 -0.18
N GLN A 100 -0.99 13.24 -0.68
CA GLN A 100 -1.08 12.07 0.21
C GLN A 100 -0.08 11.02 -0.25
N MET A 101 0.36 10.18 0.69
CA MET A 101 1.34 9.12 0.37
C MET A 101 1.07 7.92 1.28
N LEU A 102 1.63 6.78 0.89
CA LEU A 102 1.51 5.52 1.63
C LEU A 102 2.88 5.26 2.27
N LEU A 103 2.88 4.96 3.57
CA LEU A 103 4.12 4.75 4.33
C LEU A 103 3.97 3.52 5.22
N ARG A 104 4.78 2.49 4.99
CA ARG A 104 4.62 1.25 5.76
C ARG A 104 5.29 1.35 7.14
N GLY A 105 4.76 2.27 7.92
CA GLY A 105 5.21 2.52 9.28
C GLY A 105 6.69 2.58 9.60
N GLN A 106 7.12 1.70 10.48
CA GLN A 106 8.51 1.64 10.94
C GLN A 106 9.39 1.05 9.82
N ASN A 107 8.76 0.66 8.72
CA ASN A 107 9.50 0.10 7.58
C ASN A 107 9.63 1.19 6.50
N LEU A 108 8.97 2.30 6.76
CA LEU A 108 8.98 3.44 5.83
C LEU A 108 8.67 2.96 4.41
N LEU A 109 9.66 3.01 3.53
CA LEU A 109 9.52 2.53 2.15
C LEU A 109 10.66 1.55 1.90
N GLY A 110 11.30 1.15 3.00
CA GLY A 110 12.43 0.25 2.99
C GLY A 110 12.11 -1.23 3.02
N TYR A 111 13.19 -2.01 3.11
CA TYR A 111 13.12 -3.49 3.10
C TYR A 111 13.16 -4.04 4.53
N ARG A 112 13.41 -3.18 5.51
CA ARG A 112 13.48 -3.65 6.90
C ARG A 112 13.00 -2.53 7.83
N HIS A 113 12.89 -2.82 9.12
CA HIS A 113 12.51 -1.75 10.05
C HIS A 113 13.73 -0.85 10.19
N TYR A 114 13.55 0.33 10.77
CA TYR A 114 14.69 1.24 10.98
C TYR A 114 14.54 1.88 12.35
N ASN A 115 15.63 2.41 12.87
CA ASN A 115 15.59 3.06 14.19
C ASN A 115 14.68 4.29 14.09
N ASP A 116 14.09 4.71 15.21
CA ASP A 116 13.19 5.86 15.19
C ASP A 116 13.85 7.09 14.55
N GLU A 117 15.17 7.23 14.70
CA GLU A 117 15.87 8.39 14.10
C GLU A 117 15.49 8.47 12.63
N VAL A 118 15.81 7.39 11.91
CA VAL A 118 15.52 7.32 10.47
C VAL A 118 14.10 7.79 10.22
N VAL A 119 13.13 7.12 10.85
CA VAL A 119 11.71 7.47 10.70
C VAL A 119 11.50 8.97 10.91
N ASP A 120 11.95 9.50 12.04
CA ASP A 120 11.79 10.95 12.28
C ASP A 120 12.33 11.75 11.11
N ARG A 121 13.55 11.44 10.65
CA ARG A 121 14.13 12.23 9.55
C ARG A 121 13.32 12.06 8.26
N PHE A 122 12.93 10.84 7.95
CA PHE A 122 12.15 10.60 6.72
C PHE A 122 10.86 11.42 6.77
N VAL A 123 10.02 11.20 7.77
CA VAL A 123 8.75 11.94 7.88
C VAL A 123 9.03 13.44 7.83
N ASP A 124 10.05 13.86 8.58
CA ASP A 124 10.46 15.27 8.68
C ASP A 124 10.72 15.85 7.29
N LYS A 125 11.51 15.15 6.48
CA LYS A 125 11.86 15.58 5.12
C LYS A 125 10.64 15.52 4.19
N SER A 126 9.78 14.52 4.38
CA SER A 126 8.58 14.38 3.54
C SER A 126 7.66 15.57 3.76
N ALA A 127 7.42 15.93 5.01
CA ALA A 127 6.54 17.08 5.30
C ALA A 127 7.21 18.35 4.78
N GLU A 128 8.49 18.51 5.11
CA GLU A 128 9.28 19.68 4.70
C GLU A 128 9.16 19.88 3.19
N ASN A 129 9.09 18.78 2.44
CA ASN A 129 9.01 18.89 0.97
C ASN A 129 7.56 19.03 0.49
N GLY A 130 6.59 19.06 1.39
CA GLY A 130 5.21 19.28 0.95
C GLY A 130 4.10 18.28 1.12
N MET A 131 4.40 17.09 1.64
CA MET A 131 3.39 16.04 1.84
C MET A 131 2.43 16.46 2.95
N ASP A 132 1.13 16.32 2.70
CA ASP A 132 0.16 16.78 3.70
C ASP A 132 -0.47 15.63 4.48
N VAL A 133 -0.88 14.57 3.79
CA VAL A 133 -1.51 13.44 4.47
C VAL A 133 -0.63 12.19 4.38
N PHE A 134 -0.35 11.58 5.53
CA PHE A 134 0.47 10.36 5.53
C PHE A 134 -0.38 9.16 5.95
N ARG A 135 -0.63 8.26 5.00
CA ARG A 135 -1.36 7.03 5.34
C ARG A 135 -0.32 6.00 5.77
N VAL A 136 -0.17 5.86 7.10
CA VAL A 136 0.79 4.95 7.72
C VAL A 136 0.14 3.59 7.94
N PHE A 137 0.73 2.52 7.43
CA PHE A 137 0.10 1.20 7.58
C PHE A 137 1.17 0.16 7.92
N ASP A 138 0.70 -1.04 8.29
CA ASP A 138 1.56 -2.16 8.70
C ASP A 138 0.97 -3.49 8.19
N ALA A 139 1.79 -4.24 7.47
CA ALA A 139 1.44 -5.52 6.82
C ALA A 139 0.85 -6.56 7.78
N MET A 140 1.02 -6.41 9.09
CA MET A 140 0.44 -7.39 10.02
C MET A 140 -0.55 -6.71 10.96
N ASN A 141 -0.76 -5.42 10.77
CA ASN A 141 -1.70 -4.62 11.57
C ASN A 141 -1.22 -4.43 13.00
N ASP A 142 0.10 -4.36 13.21
CA ASP A 142 0.63 -4.13 14.56
C ASP A 142 0.66 -2.63 14.82
N PRO A 143 -0.32 -2.11 15.58
CA PRO A 143 -0.44 -0.68 15.91
C PRO A 143 0.86 -0.05 16.41
N ARG A 144 1.75 -0.88 16.95
CA ARG A 144 3.02 -0.40 17.51
C ARG A 144 3.98 0.01 16.39
N ASN A 145 3.99 -0.73 15.28
CA ASN A 145 4.91 -0.39 14.19
C ASN A 145 4.47 0.89 13.49
N MET A 146 3.32 1.43 13.86
CA MET A 146 2.85 2.66 13.22
C MET A 146 2.92 3.81 14.23
N ALA A 147 3.09 3.44 15.49
CA ALA A 147 3.13 4.39 16.61
C ALA A 147 4.09 5.56 16.35
N HIS A 148 5.37 5.27 16.13
CA HIS A 148 6.34 6.36 15.94
C HIS A 148 6.04 7.20 14.69
N ALA A 149 5.89 6.56 13.53
CA ALA A 149 5.61 7.31 12.31
C ALA A 149 4.45 8.28 12.56
N MET A 150 3.39 7.75 13.17
CA MET A 150 2.19 8.54 13.47
C MET A 150 2.55 9.79 14.29
N ALA A 151 3.45 9.61 15.25
CA ALA A 151 3.90 10.69 16.14
C ALA A 151 4.73 11.69 15.35
N ALA A 152 5.60 11.16 14.48
CA ALA A 152 6.46 12.00 13.64
C ALA A 152 5.58 12.89 12.76
N VAL A 153 4.47 12.36 12.27
CA VAL A 153 3.59 13.16 11.42
C VAL A 153 2.86 14.22 12.24
N LYS A 154 2.37 13.86 13.43
CA LYS A 154 1.68 14.85 14.27
C LYS A 154 2.64 15.97 14.64
N LYS A 155 3.88 15.62 14.96
CA LYS A 155 4.90 16.62 15.33
C LYS A 155 5.07 17.62 14.19
N ALA A 156 5.25 17.06 12.98
CA ALA A 156 5.45 17.85 11.76
C ALA A 156 4.19 18.64 11.42
N GLY A 157 3.19 18.58 12.29
CA GLY A 157 1.95 19.30 12.06
C GLY A 157 1.19 18.80 10.84
N LYS A 158 1.37 17.53 10.46
CA LYS A 158 0.70 17.00 9.26
C LYS A 158 -0.39 16.00 9.67
N HIS A 159 -1.27 15.70 8.71
CA HIS A 159 -2.41 14.79 8.93
C HIS A 159 -1.94 13.34 9.07
N ALA A 160 -2.15 12.75 10.24
CA ALA A 160 -1.75 11.35 10.43
C ALA A 160 -2.95 10.47 10.08
N GLN A 161 -2.71 9.42 9.30
CA GLN A 161 -3.81 8.51 8.93
C GLN A 161 -3.41 7.06 9.24
N GLY A 162 -3.98 6.53 10.32
CA GLY A 162 -3.72 5.16 10.73
C GLY A 162 -4.46 4.20 9.82
N THR A 163 -3.75 3.17 9.38
CA THR A 163 -4.32 2.19 8.45
C THR A 163 -4.59 0.84 9.12
N ILE A 164 -5.63 0.18 8.62
CA ILE A 164 -6.05 -1.17 9.02
C ILE A 164 -6.04 -2.02 7.75
N CYS A 165 -5.19 -3.02 7.67
CA CYS A 165 -5.23 -3.84 6.45
C CYS A 165 -6.38 -4.84 6.57
N TYR A 166 -7.45 -4.61 5.82
CA TYR A 166 -8.62 -5.51 5.82
C TYR A 166 -8.27 -6.82 5.13
N THR A 167 -8.81 -7.91 5.66
CA THR A 167 -8.60 -9.26 5.14
C THR A 167 -9.72 -10.14 5.71
N ILE A 168 -9.87 -11.35 5.17
CA ILE A 168 -10.88 -12.29 5.67
C ILE A 168 -10.17 -13.50 6.30
N SER A 169 -10.46 -13.75 7.58
CA SER A 169 -9.83 -14.86 8.29
C SER A 169 -10.65 -15.16 9.55
N PRO A 170 -10.53 -16.40 10.04
CA PRO A 170 -11.21 -16.91 11.23
C PRO A 170 -11.14 -16.00 12.45
N VAL A 171 -10.15 -15.13 12.51
CA VAL A 171 -10.00 -14.28 13.70
C VAL A 171 -10.23 -12.80 13.36
N HIS A 172 -10.51 -12.49 12.09
CA HIS A 172 -10.78 -11.08 11.79
C HIS A 172 -12.29 -10.85 11.82
N THR A 173 -12.70 -9.90 12.65
CA THR A 173 -14.12 -9.60 12.84
C THR A 173 -14.28 -8.08 12.95
N VAL A 174 -15.54 -7.62 12.95
CA VAL A 174 -15.81 -6.19 13.08
C VAL A 174 -15.30 -5.73 14.46
N GLU A 175 -15.49 -6.57 15.47
CA GLU A 175 -15.01 -6.28 16.82
C GLU A 175 -13.51 -5.99 16.72
N GLY A 176 -12.82 -6.93 16.11
CA GLY A 176 -11.39 -6.80 15.93
C GLY A 176 -10.97 -5.55 15.21
N TYR A 177 -11.73 -5.13 14.21
CA TYR A 177 -11.35 -3.91 13.47
C TYR A 177 -11.68 -2.67 14.31
N VAL A 178 -12.74 -2.70 15.11
CA VAL A 178 -13.11 -1.56 15.96
C VAL A 178 -12.03 -1.37 17.03
N LYS A 179 -11.57 -2.49 17.59
CA LYS A 179 -10.52 -2.51 18.63
C LYS A 179 -9.28 -1.84 18.05
N LEU A 180 -9.02 -2.18 16.80
CA LEU A 180 -7.87 -1.64 16.06
C LEU A 180 -8.09 -0.15 15.78
N ALA A 181 -9.34 0.21 15.50
CA ALA A 181 -9.65 1.62 15.22
C ALA A 181 -9.40 2.43 16.49
N GLY A 182 -9.68 1.84 17.64
CA GLY A 182 -9.46 2.53 18.91
C GLY A 182 -7.97 2.78 19.16
N GLN A 183 -7.14 1.80 18.82
CA GLN A 183 -5.70 1.96 19.02
C GLN A 183 -5.18 3.03 18.06
N LEU A 184 -5.54 2.93 16.79
CA LEU A 184 -5.06 3.94 15.83
C LEU A 184 -5.39 5.34 16.36
N LEU A 185 -6.63 5.51 16.83
CA LEU A 185 -7.06 6.80 17.39
C LEU A 185 -6.25 7.12 18.64
N ASP A 186 -6.20 6.19 19.58
CA ASP A 186 -5.47 6.43 20.84
C ASP A 186 -4.04 6.90 20.58
N MET A 187 -3.37 6.38 19.55
CA MET A 187 -2.01 6.88 19.31
C MET A 187 -2.09 8.15 18.46
N GLY A 188 -3.23 8.83 18.59
CA GLY A 188 -3.45 10.10 17.90
C GLY A 188 -3.59 10.13 16.39
N ALA A 189 -4.44 9.26 15.83
CA ALA A 189 -4.66 9.24 14.37
C ALA A 189 -5.73 10.28 14.01
N ASP A 190 -5.45 11.11 13.01
CA ASP A 190 -6.41 12.15 12.62
C ASP A 190 -7.54 11.55 11.77
N SER A 191 -7.36 10.30 11.36
CA SER A 191 -8.38 9.62 10.54
C SER A 191 -7.95 8.15 10.39
N ILE A 192 -8.92 7.30 10.09
CA ILE A 192 -8.66 5.86 9.93
C ILE A 192 -8.89 5.47 8.47
N ALA A 193 -7.93 4.76 7.90
CA ALA A 193 -8.07 4.32 6.50
C ALA A 193 -8.25 2.81 6.45
N LEU A 194 -9.32 2.33 5.81
CA LEU A 194 -9.53 0.89 5.68
C LEU A 194 -8.93 0.47 4.33
N KCX A 195 -7.78 -0.18 4.34
CA KCX A 195 -7.06 -0.54 3.10
CB KCX A 195 -5.57 -0.49 3.40
CG KCX A 195 -4.68 -0.48 2.18
CD KCX A 195 -3.23 -0.54 2.60
CE KCX A 195 -2.31 -0.01 1.50
NZ KCX A 195 -2.58 -0.60 0.20
C KCX A 195 -7.39 -1.97 2.64
O KCX A 195 -6.94 -2.95 3.22
CX KCX A 195 -2.62 0.16 -0.90
OQ1 KCX A 195 -2.45 1.37 -0.86
OQ2 KCX A 195 -2.85 -0.34 -2.01
N ASP A 196 -8.11 -2.06 1.53
CA ASP A 196 -8.49 -3.36 0.95
C ASP A 196 -7.83 -3.48 -0.42
N ILE A 197 -6.61 -4.02 -0.45
CA ILE A 197 -5.82 -4.10 -1.68
C ILE A 197 -6.18 -5.32 -2.54
N ALA A 198 -6.86 -6.31 -1.96
CA ALA A 198 -7.20 -7.51 -2.73
C ALA A 198 -8.67 -7.47 -3.12
N ALA A 199 -9.35 -6.41 -2.75
CA ALA A 199 -10.79 -6.25 -3.07
C ALA A 199 -11.58 -7.35 -2.37
N LEU A 200 -11.19 -7.69 -1.15
CA LEU A 200 -11.89 -8.71 -0.36
C LEU A 200 -13.05 -8.08 0.43
N LEU A 201 -13.09 -6.75 0.47
CA LEU A 201 -14.12 -6.06 1.25
C LEU A 201 -15.48 -6.13 0.56
N LYS A 202 -16.32 -7.02 1.05
CA LYS A 202 -17.66 -7.12 0.46
C LYS A 202 -18.55 -6.01 1.01
N PRO A 203 -19.71 -5.79 0.37
CA PRO A 203 -20.70 -4.78 0.74
C PRO A 203 -21.14 -4.76 2.21
N GLN A 204 -21.91 -5.76 2.62
CA GLN A 204 -22.44 -5.80 3.99
C GLN A 204 -21.30 -5.60 5.00
N PRO A 205 -20.19 -6.32 4.81
CA PRO A 205 -19.06 -6.17 5.74
C PRO A 205 -18.57 -4.73 5.70
N ALA A 206 -18.43 -4.19 4.50
CA ALA A 206 -17.93 -2.81 4.40
C ALA A 206 -18.88 -1.90 5.17
N TYR A 207 -20.17 -2.15 5.02
CA TYR A 207 -21.17 -1.30 5.69
C TYR A 207 -21.09 -1.47 7.21
N ASP A 208 -21.15 -2.71 7.69
CA ASP A 208 -21.13 -2.95 9.14
C ASP A 208 -19.87 -2.35 9.79
N ILE A 209 -18.70 -2.69 9.26
CA ILE A 209 -17.44 -2.21 9.82
C ILE A 209 -17.42 -0.68 9.91
N ILE A 210 -17.78 0.01 8.84
CA ILE A 210 -17.77 1.48 8.87
C ILE A 210 -18.75 1.97 9.94
N LYS A 211 -19.97 1.45 9.89
CA LYS A 211 -21.06 1.82 10.82
C LYS A 211 -20.63 1.56 12.27
N ALA A 212 -20.02 0.41 12.52
CA ALA A 212 -19.58 0.06 13.87
C ALA A 212 -18.60 1.11 14.39
N ILE A 213 -17.57 1.41 13.59
CA ILE A 213 -16.57 2.40 14.01
C ILE A 213 -17.26 3.73 14.36
N LYS A 214 -18.03 4.25 13.42
CA LYS A 214 -18.75 5.52 13.61
C LYS A 214 -19.65 5.43 14.85
N ASP A 215 -20.29 4.28 15.03
CA ASP A 215 -21.20 4.07 16.17
C ASP A 215 -20.43 4.10 17.49
N THR A 216 -19.25 3.49 17.50
CA THR A 216 -18.46 3.38 18.73
C THR A 216 -17.67 4.66 19.05
N TYR A 217 -16.88 5.15 18.10
CA TYR A 217 -16.05 6.33 18.41
C TYR A 217 -16.70 7.65 18.03
N GLY A 218 -17.78 7.65 17.24
CA GLY A 218 -18.45 8.90 16.88
C GLY A 218 -18.39 9.35 15.42
N GLN A 219 -19.46 10.02 15.01
CA GLN A 219 -19.60 10.51 13.62
C GLN A 219 -18.39 11.37 13.23
N LYS A 220 -17.78 12.01 14.21
CA LYS A 220 -16.63 12.89 13.91
C LYS A 220 -15.44 12.07 13.46
N THR A 221 -15.37 10.80 13.87
CA THR A 221 -14.25 9.93 13.48
C THR A 221 -14.14 9.92 11.95
N GLN A 222 -13.06 10.48 11.40
CA GLN A 222 -12.89 10.50 9.94
C GLN A 222 -12.38 9.14 9.44
N ILE A 223 -13.01 8.62 8.39
CA ILE A 223 -12.62 7.33 7.84
C ILE A 223 -12.52 7.40 6.31
N ASN A 224 -11.43 6.84 5.79
CA ASN A 224 -11.20 6.82 4.34
C ASN A 224 -11.17 5.36 3.88
N LEU A 225 -11.98 5.03 2.87
CA LEU A 225 -12.04 3.66 2.35
C LEU A 225 -11.19 3.55 1.09
N HIS A 226 -10.24 2.63 1.08
CA HIS A 226 -9.36 2.41 -0.07
C HIS A 226 -9.56 0.99 -0.62
N CYS A 227 -10.47 0.83 -1.57
CA CYS A 227 -10.73 -0.52 -2.11
C CYS A 227 -10.23 -0.65 -3.54
N HIS A 228 -9.62 -1.80 -3.84
CA HIS A 228 -9.18 -2.11 -5.21
C HIS A 228 -10.34 -2.87 -5.84
N SER A 229 -10.27 -3.13 -7.15
CA SER A 229 -11.41 -3.75 -7.83
C SER A 229 -11.02 -5.10 -8.46
N THR A 230 -10.03 -5.75 -7.90
CA THR A 230 -9.55 -7.01 -8.47
C THR A 230 -10.64 -8.07 -8.52
N THR A 231 -11.53 -8.10 -7.53
CA THR A 231 -12.58 -9.12 -7.45
C THR A 231 -13.86 -8.63 -8.12
N GLY A 232 -13.98 -7.33 -8.29
CA GLY A 232 -15.14 -6.79 -8.95
C GLY A 232 -16.38 -6.54 -8.13
N VAL A 233 -16.27 -6.52 -6.79
CA VAL A 233 -17.46 -6.29 -5.94
C VAL A 233 -17.29 -5.05 -5.06
N THR A 234 -16.14 -4.39 -5.10
CA THR A 234 -15.87 -3.26 -4.20
C THR A 234 -16.56 -1.94 -4.56
N GLU A 235 -17.04 -1.72 -5.78
CA GLU A 235 -17.70 -0.42 -6.00
C GLU A 235 -19.04 -0.43 -5.26
N VAL A 236 -19.58 -1.63 -5.09
CA VAL A 236 -20.85 -1.77 -4.37
C VAL A 236 -20.54 -1.53 -2.88
N SER A 237 -19.37 -1.99 -2.47
CA SER A 237 -18.96 -1.82 -1.07
C SER A 237 -18.83 -0.33 -0.78
N LEU A 238 -18.30 0.40 -1.77
CA LEU A 238 -18.15 1.85 -1.67
C LEU A 238 -19.51 2.51 -1.50
N MET A 239 -20.54 1.97 -2.16
CA MET A 239 -21.88 2.55 -2.03
C MET A 239 -22.39 2.32 -0.61
N LYS A 240 -22.26 1.08 -0.13
CA LYS A 240 -22.67 0.73 1.24
C LYS A 240 -21.88 1.58 2.24
N ALA A 241 -20.56 1.60 2.07
CA ALA A 241 -19.68 2.37 2.97
C ALA A 241 -20.21 3.79 3.12
N ILE A 242 -20.66 4.37 2.00
CA ILE A 242 -21.16 5.74 2.04
C ILE A 242 -22.50 5.79 2.80
N GLU A 243 -23.25 4.70 2.75
CA GLU A 243 -24.53 4.67 3.46
C GLU A 243 -24.25 4.57 4.96
N ALA A 244 -23.20 3.84 5.30
CA ALA A 244 -22.81 3.68 6.72
C ALA A 244 -22.20 5.00 7.19
N GLY A 245 -22.02 5.92 6.25
CA GLY A 245 -21.46 7.23 6.58
C GLY A 245 -19.94 7.39 6.54
N VAL A 246 -19.29 6.83 5.51
CA VAL A 246 -17.83 6.95 5.39
C VAL A 246 -17.51 8.38 4.95
N ASP A 247 -16.31 8.85 5.23
CA ASP A 247 -15.96 10.25 4.94
C ASP A 247 -15.25 10.40 3.59
N VAL A 248 -14.37 9.50 3.24
CA VAL A 248 -13.68 9.63 1.95
C VAL A 248 -13.52 8.25 1.33
N VAL A 249 -13.54 8.18 0.00
CA VAL A 249 -13.35 6.93 -0.75
C VAL A 249 -12.32 7.19 -1.85
N ASP A 250 -11.38 6.26 -2.03
CA ASP A 250 -10.34 6.44 -3.05
C ASP A 250 -10.77 5.88 -4.41
N THR A 251 -10.48 6.64 -5.45
CA THR A 251 -10.81 6.20 -6.81
C THR A 251 -9.66 6.58 -7.74
N ALA A 252 -9.71 6.06 -8.96
CA ALA A 252 -8.70 6.37 -9.98
C ALA A 252 -9.45 6.82 -11.23
N ILE A 253 -8.93 7.84 -11.89
CA ILE A 253 -9.54 8.37 -13.13
C ILE A 253 -9.88 7.18 -14.02
N SER A 254 -11.11 7.15 -14.54
CA SER A 254 -11.65 6.05 -15.34
C SER A 254 -10.66 5.44 -16.34
N SER A 255 -9.87 6.27 -17.02
CA SER A 255 -8.93 5.74 -18.03
C SER A 255 -7.76 4.99 -17.38
N MET A 256 -7.75 4.88 -16.06
CA MET A 256 -6.71 4.16 -15.30
C MET A 256 -7.35 3.38 -14.16
N SER A 257 -8.39 2.60 -14.45
CA SER A 257 -9.10 1.90 -13.37
C SER A 257 -9.41 0.45 -13.70
N LEU A 258 -10.13 -0.16 -12.77
CA LEU A 258 -10.59 -1.56 -12.79
C LEU A 258 -9.39 -2.52 -12.76
N GLY A 259 -9.60 -3.80 -13.06
CA GLY A 259 -8.48 -4.72 -13.01
C GLY A 259 -7.91 -4.65 -11.60
N PRO A 260 -6.62 -4.95 -11.39
CA PRO A 260 -6.01 -4.90 -10.05
C PRO A 260 -5.92 -3.44 -9.58
N GLY A 261 -6.50 -2.56 -10.38
CA GLY A 261 -6.54 -1.15 -10.09
C GLY A 261 -7.66 -0.86 -9.11
N HIS A 262 -8.34 0.27 -9.29
CA HIS A 262 -9.41 0.68 -8.35
C HIS A 262 -10.67 1.04 -9.15
N ASN A 263 -11.72 1.43 -8.42
CA ASN A 263 -12.97 1.83 -9.07
C ASN A 263 -12.75 3.19 -9.74
N PRO A 264 -13.52 3.49 -10.81
CA PRO A 264 -13.40 4.74 -11.55
C PRO A 264 -14.03 5.96 -10.85
N THR A 265 -13.21 6.99 -10.68
CA THR A 265 -13.62 8.24 -10.03
C THR A 265 -14.93 8.76 -10.63
N GLU A 266 -14.95 8.98 -11.94
CA GLU A 266 -16.16 9.52 -12.57
C GLU A 266 -17.35 8.59 -12.32
N SER A 267 -17.13 7.29 -12.43
CA SER A 267 -18.22 6.33 -12.22
C SER A 267 -18.77 6.51 -10.80
N VAL A 268 -17.86 6.48 -9.82
CA VAL A 268 -18.20 6.59 -8.40
C VAL A 268 -18.87 7.93 -8.08
N ALA A 269 -18.49 8.99 -8.78
CA ALA A 269 -19.10 10.30 -8.52
C ALA A 269 -20.48 10.37 -9.17
N GLU A 270 -20.66 9.65 -10.27
CA GLU A 270 -21.90 9.67 -11.05
C GLU A 270 -23.02 8.85 -10.40
N MET A 271 -22.67 7.70 -9.83
CA MET A 271 -23.66 6.79 -9.24
C MET A 271 -24.47 7.44 -8.11
N LEU A 272 -23.88 8.41 -7.40
CA LEU A 272 -24.53 9.05 -6.24
C LEU A 272 -25.73 9.92 -6.61
N GLU A 273 -25.83 10.36 -7.86
CA GLU A 273 -26.93 11.24 -8.26
C GLU A 273 -28.27 10.77 -7.71
N GLY A 274 -28.92 11.65 -6.96
CA GLY A 274 -30.21 11.36 -6.38
C GLY A 274 -30.27 10.53 -5.11
N THR A 275 -29.12 10.17 -4.57
CA THR A 275 -29.10 9.33 -3.37
C THR A 275 -29.10 10.21 -2.11
N GLY A 276 -28.91 11.51 -2.31
CA GLY A 276 -28.86 12.42 -1.19
C GLY A 276 -27.41 12.64 -0.84
N TYR A 277 -26.57 11.81 -1.41
CA TYR A 277 -25.11 11.93 -1.23
C TYR A 277 -24.55 12.56 -2.49
N THR A 278 -23.39 13.19 -2.38
CA THR A 278 -22.80 13.83 -3.56
C THR A 278 -21.30 14.04 -3.36
N THR A 279 -20.58 14.15 -4.47
CA THR A 279 -19.12 14.36 -4.44
C THR A 279 -18.81 15.57 -5.32
N ASN A 280 -18.65 16.71 -4.67
CA ASN A 280 -18.37 17.98 -5.38
C ASN A 280 -17.06 17.89 -6.17
N LEU A 281 -17.12 17.37 -7.40
CA LEU A 281 -15.94 17.25 -8.26
C LEU A 281 -16.27 17.90 -9.62
N ASP A 282 -15.32 18.61 -10.18
CA ASP A 282 -15.50 19.26 -11.48
C ASP A 282 -15.51 18.20 -12.58
N TYR A 283 -16.67 17.94 -13.16
CA TYR A 283 -16.74 16.88 -14.17
C TYR A 283 -15.90 17.22 -15.40
N ASP A 284 -15.83 18.49 -15.78
CA ASP A 284 -15.02 18.81 -16.95
C ASP A 284 -13.53 18.61 -16.64
N ARG A 285 -13.12 19.04 -15.46
CA ARG A 285 -11.73 18.82 -15.05
C ARG A 285 -11.43 17.32 -15.15
N LEU A 286 -12.33 16.52 -14.57
CA LEU A 286 -12.15 15.06 -14.59
C LEU A 286 -12.05 14.58 -16.03
N HIS A 287 -12.86 15.14 -16.92
CA HIS A 287 -12.83 14.69 -18.31
C HIS A 287 -11.47 14.97 -18.93
N LYS A 288 -10.84 16.07 -18.56
CA LYS A 288 -9.52 16.35 -19.15
C LYS A 288 -8.49 15.35 -18.61
N ILE A 289 -8.56 15.07 -17.32
CA ILE A 289 -7.61 14.14 -16.69
C ILE A 289 -7.72 12.76 -17.36
N ARG A 290 -8.97 12.30 -17.54
CA ARG A 290 -9.24 11.01 -18.18
C ARG A 290 -8.59 10.95 -19.57
N ASP A 291 -8.92 11.92 -20.42
CA ASP A 291 -8.37 11.95 -21.79
C ASP A 291 -6.85 11.97 -21.73
N HIS A 292 -6.30 12.65 -20.73
CA HIS A 292 -4.84 12.74 -20.61
C HIS A 292 -4.24 11.33 -20.57
N PHE A 293 -4.54 10.59 -19.50
CA PHE A 293 -3.97 9.24 -19.32
C PHE A 293 -4.49 8.24 -20.35
N LYS A 294 -5.60 8.55 -21.02
CA LYS A 294 -6.11 7.63 -22.04
C LYS A 294 -5.17 7.63 -23.25
N ALA A 295 -4.51 8.75 -23.46
CA ALA A 295 -3.58 8.90 -24.60
C ALA A 295 -2.20 8.37 -24.23
N ILE A 296 -1.90 8.40 -22.95
CA ILE A 296 -0.58 7.96 -22.47
C ILE A 296 -0.54 6.46 -22.14
N ARG A 297 -1.65 5.90 -21.68
CA ARG A 297 -1.68 4.52 -21.20
C ARG A 297 -1.24 3.46 -22.21
N PRO A 298 -1.48 3.67 -23.51
CA PRO A 298 -1.00 2.56 -24.34
C PRO A 298 0.50 2.33 -24.37
N LYS A 299 1.29 3.35 -24.07
CA LYS A 299 2.76 3.23 -24.10
C LYS A 299 3.27 2.31 -22.98
N TYR A 300 2.38 1.84 -22.11
CA TYR A 300 2.85 0.99 -21.00
C TYR A 300 2.28 -0.43 -21.12
N LYS A 301 1.94 -0.85 -22.34
CA LYS A 301 1.33 -2.18 -22.47
C LYS A 301 2.27 -3.31 -22.05
N LYS A 302 3.58 -3.12 -22.18
CA LYS A 302 4.47 -4.22 -21.79
C LYS A 302 4.42 -4.43 -20.27
N PHE A 303 3.61 -3.64 -19.57
CA PHE A 303 3.53 -3.76 -18.10
C PHE A 303 2.09 -3.96 -17.63
N GLU A 304 1.15 -4.20 -18.52
CA GLU A 304 -0.24 -4.35 -18.06
C GLU A 304 -0.53 -5.79 -17.62
N SER A 305 -1.41 -5.93 -16.62
CA SER A 305 -1.86 -7.22 -16.11
C SER A 305 -2.89 -7.76 -17.11
N LYS A 306 -3.06 -9.07 -17.21
CA LYS A 306 -4.00 -9.55 -18.24
C LYS A 306 -5.35 -9.99 -17.66
N THR A 307 -5.72 -9.56 -16.47
CA THR A 307 -7.04 -9.97 -15.96
C THR A 307 -7.77 -8.77 -15.36
N LEU A 308 -9.09 -8.74 -15.54
CA LEU A 308 -9.91 -7.61 -15.04
C LEU A 308 -10.70 -7.99 -13.80
N VAL A 309 -11.21 -9.21 -13.78
CA VAL A 309 -12.01 -9.71 -12.65
C VAL A 309 -11.47 -11.07 -12.21
N ASP A 310 -11.42 -11.28 -10.90
CA ASP A 310 -10.93 -12.54 -10.33
C ASP A 310 -11.45 -12.67 -8.90
N THR A 311 -12.52 -13.44 -8.72
CA THR A 311 -13.16 -13.63 -7.42
C THR A 311 -12.61 -14.88 -6.72
N SER A 312 -11.50 -15.40 -7.24
CA SER A 312 -10.91 -16.65 -6.72
C SER A 312 -10.48 -16.54 -5.26
N ILE A 313 -9.92 -15.40 -4.86
CA ILE A 313 -9.42 -15.28 -3.48
C ILE A 313 -10.54 -15.48 -2.46
N PHE A 314 -11.79 -15.44 -2.91
CA PHE A 314 -12.91 -15.63 -1.97
C PHE A 314 -12.98 -17.10 -1.55
N LYS A 315 -12.44 -17.96 -2.40
CA LYS A 315 -12.39 -19.41 -2.15
C LYS A 315 -11.02 -19.81 -1.57
N SER A 316 -9.97 -19.40 -2.27
CA SER A 316 -8.58 -19.74 -1.94
C SER A 316 -7.99 -18.86 -0.84
N GLN A 317 -8.44 -17.61 -0.73
CA GLN A 317 -7.89 -16.69 0.26
C GLN A 317 -6.46 -16.35 -0.17
N ILE A 318 -6.10 -16.83 -1.36
CA ILE A 318 -4.76 -16.63 -1.92
C ILE A 318 -4.79 -15.55 -3.00
N PRO A 319 -4.14 -14.41 -2.75
CA PRO A 319 -4.10 -13.33 -3.74
C PRO A 319 -3.50 -13.90 -5.02
N GLY A 320 -4.08 -13.56 -6.17
CA GLY A 320 -3.57 -14.05 -7.43
C GLY A 320 -2.08 -13.80 -7.61
N GLY A 321 -1.63 -12.62 -7.18
CA GLY A 321 -0.22 -12.29 -7.29
C GLY A 321 0.58 -13.34 -6.56
N MET A 322 0.21 -13.59 -5.31
CA MET A 322 0.88 -14.59 -4.48
C MET A 322 0.82 -15.96 -5.18
N LEU A 323 -0.37 -16.27 -5.70
CA LEU A 323 -0.63 -17.54 -6.38
C LEU A 323 0.44 -17.86 -7.42
N SER A 324 0.45 -17.08 -8.50
CA SER A 324 1.40 -17.29 -9.62
C SER A 324 2.84 -17.26 -9.10
N ASN A 325 3.10 -16.37 -8.16
CA ASN A 325 4.45 -16.22 -7.59
C ASN A 325 4.94 -17.57 -7.04
N MET A 326 4.01 -18.45 -6.73
CA MET A 326 4.37 -19.79 -6.22
C MET A 326 4.35 -20.76 -7.40
N GLU A 327 3.37 -20.60 -8.27
CA GLU A 327 3.20 -21.44 -9.46
C GLU A 327 4.55 -21.58 -10.17
N SER A 328 5.10 -20.42 -10.55
CA SER A 328 6.39 -20.32 -11.24
C SER A 328 7.49 -20.77 -10.29
N GLN A 329 7.21 -20.63 -8.99
CA GLN A 329 8.18 -21.03 -7.96
C GLN A 329 8.31 -22.56 -8.00
N LEU A 330 7.22 -23.23 -8.35
CA LEU A 330 7.19 -24.70 -8.42
C LEU A 330 7.68 -25.19 -9.79
N ARG A 331 7.36 -24.45 -10.83
CA ARG A 331 7.75 -24.84 -12.20
C ARG A 331 9.26 -25.03 -12.25
N ALA A 332 9.98 -24.18 -11.48
CA ALA A 332 11.45 -24.20 -11.43
C ALA A 332 11.93 -25.52 -10.83
N GLN A 333 11.01 -26.34 -10.33
CA GLN A 333 11.37 -27.64 -9.73
C GLN A 333 10.63 -28.77 -10.46
N GLY A 334 10.00 -28.44 -11.58
CA GLY A 334 9.29 -29.42 -12.37
C GLY A 334 8.12 -30.10 -11.67
N ALA A 335 8.15 -30.13 -10.34
CA ALA A 335 7.08 -30.76 -9.56
C ALA A 335 5.94 -29.76 -9.38
N GLU A 336 5.92 -28.75 -10.25
CA GLU A 336 4.92 -27.68 -10.24
C GLU A 336 3.51 -28.24 -10.43
N ASP A 337 3.35 -29.54 -10.26
CA ASP A 337 2.02 -30.16 -10.41
C ASP A 337 1.39 -30.35 -9.03
N LYS A 338 2.18 -30.07 -7.99
CA LYS A 338 1.70 -30.20 -6.61
C LYS A 338 1.00 -28.90 -6.21
N MET A 339 0.82 -28.00 -7.19
CA MET A 339 0.16 -26.70 -6.98
C MET A 339 -1.10 -26.89 -6.14
N ASP A 340 -1.85 -27.94 -6.44
CA ASP A 340 -3.10 -28.23 -5.72
C ASP A 340 -2.82 -28.46 -4.23
N GLU A 341 -1.67 -29.07 -3.93
CA GLU A 341 -1.31 -29.35 -2.53
C GLU A 341 -0.89 -28.06 -1.82
N VAL A 342 -0.21 -27.19 -2.56
CA VAL A 342 0.25 -25.89 -2.03
C VAL A 342 -0.96 -25.04 -1.67
N MET A 343 -1.96 -25.05 -2.56
CA MET A 343 -3.19 -24.27 -2.38
C MET A 343 -3.86 -24.66 -1.05
N ALA A 344 -3.61 -25.89 -0.62
CA ALA A 344 -4.22 -26.39 0.62
C ALA A 344 -3.27 -26.15 1.81
N GLU A 345 -1.98 -25.98 1.53
CA GLU A 345 -1.00 -25.79 2.59
C GLU A 345 -1.02 -24.36 3.14
N VAL A 346 -1.10 -23.37 2.25
CA VAL A 346 -1.12 -21.95 2.63
C VAL A 346 -2.00 -21.71 3.85
N PRO A 347 -3.30 -21.99 3.75
CA PRO A 347 -4.21 -21.78 4.88
C PRO A 347 -3.56 -22.20 6.20
N ARG A 348 -2.97 -23.38 6.17
CA ARG A 348 -2.32 -23.98 7.34
C ARG A 348 -1.06 -23.20 7.76
N VAL A 349 -0.32 -22.67 6.80
CA VAL A 349 0.88 -21.90 7.11
C VAL A 349 0.48 -20.53 7.68
N ARG A 350 -0.55 -19.93 7.10
CA ARG A 350 -1.02 -18.61 7.57
C ARG A 350 -1.44 -18.73 9.04
N LYS A 351 -2.29 -19.73 9.33
CA LYS A 351 -2.77 -19.96 10.69
C LYS A 351 -1.59 -20.06 11.65
N ALA A 352 -0.56 -20.78 11.24
CA ALA A 352 0.65 -20.97 12.06
C ALA A 352 1.29 -19.63 12.36
N ALA A 353 1.16 -18.70 11.42
CA ALA A 353 1.76 -17.36 11.54
C ALA A 353 0.81 -16.41 12.27
N GLY A 354 -0.35 -16.91 12.69
CA GLY A 354 -1.30 -16.06 13.40
C GLY A 354 -2.29 -15.29 12.53
N PHE A 355 -2.52 -15.78 11.32
CA PHE A 355 -3.46 -15.17 10.38
C PHE A 355 -3.05 -13.74 10.01
N PRO A 356 -1.90 -13.58 9.33
CA PRO A 356 -1.51 -12.21 8.96
C PRO A 356 -2.09 -11.89 7.58
N PRO A 357 -2.45 -10.61 7.33
CA PRO A 357 -3.00 -10.26 6.02
C PRO A 357 -1.99 -10.74 4.97
N LEU A 358 -2.49 -11.19 3.83
CA LEU A 358 -1.58 -11.71 2.78
C LEU A 358 -1.21 -10.61 1.79
N VAL A 359 -0.30 -9.75 2.24
CA VAL A 359 0.24 -8.63 1.47
C VAL A 359 1.76 -8.68 1.58
N THR A 360 2.47 -7.89 0.79
CA THR A 360 3.94 -7.92 0.89
C THR A 360 4.33 -7.47 2.30
N PRO A 361 5.23 -8.22 2.95
CA PRO A 361 5.88 -9.43 2.47
C PRO A 361 5.26 -10.72 3.01
N SER A 362 4.26 -10.57 3.87
CA SER A 362 3.58 -11.72 4.49
C SER A 362 3.19 -12.73 3.41
N SER A 363 2.60 -12.23 2.32
CA SER A 363 2.11 -13.11 1.25
C SER A 363 3.25 -13.85 0.56
N GLN A 364 4.34 -13.16 0.25
CA GLN A 364 5.45 -13.84 -0.42
C GLN A 364 6.17 -14.76 0.57
N ILE A 365 6.30 -14.31 1.82
CA ILE A 365 6.95 -15.16 2.83
C ILE A 365 6.12 -16.43 3.03
N VAL A 366 4.89 -16.26 3.50
CA VAL A 366 3.98 -17.38 3.75
C VAL A 366 3.89 -18.26 2.51
N GLY A 367 3.95 -17.66 1.33
CA GLY A 367 3.87 -18.43 0.12
C GLY A 367 5.02 -19.41 -0.01
N THR A 368 6.23 -18.89 -0.08
CA THR A 368 7.45 -19.70 -0.21
C THR A 368 7.43 -20.84 0.82
N GLN A 369 7.30 -20.46 2.09
CA GLN A 369 7.29 -21.42 3.20
C GLN A 369 6.27 -22.53 2.92
N ALA A 370 5.13 -22.15 2.38
CA ALA A 370 4.08 -23.13 2.05
C ALA A 370 4.60 -24.08 0.97
N VAL A 371 5.49 -23.59 0.12
CA VAL A 371 6.05 -24.44 -0.95
C VAL A 371 7.00 -25.46 -0.32
N PHE A 372 7.93 -24.97 0.51
CA PHE A 372 8.90 -25.83 1.19
C PHE A 372 8.16 -26.96 1.92
N ASN A 373 7.10 -26.61 2.63
CA ASN A 373 6.31 -27.59 3.39
C ASN A 373 5.76 -28.67 2.46
N VAL A 374 5.17 -28.25 1.35
CA VAL A 374 4.61 -29.19 0.37
C VAL A 374 5.75 -29.89 -0.38
N MET A 375 6.98 -29.50 -0.08
CA MET A 375 8.14 -30.09 -0.76
C MET A 375 8.99 -30.90 0.21
N MET A 376 9.55 -30.21 1.20
CA MET A 376 10.47 -30.83 2.16
C MET A 376 9.79 -31.15 3.49
N GLY A 377 8.50 -31.43 3.50
CA GLY A 377 7.85 -31.73 4.77
C GLY A 377 7.48 -30.52 5.60
N GLU A 378 6.38 -30.66 6.34
CA GLU A 378 5.82 -29.59 7.18
C GLU A 378 6.87 -29.00 8.12
N TYR A 379 7.39 -27.83 7.75
CA TYR A 379 8.37 -27.08 8.56
C TYR A 379 9.66 -27.87 8.77
N LYS A 380 10.03 -28.73 7.84
CA LYS A 380 11.29 -29.46 8.01
C LYS A 380 12.44 -28.50 7.72
N ARG A 381 12.08 -27.38 7.10
CA ARG A 381 13.01 -26.30 6.74
C ARG A 381 12.23 -25.01 6.60
N MET A 382 12.78 -23.91 7.11
CA MET A 382 12.11 -22.60 7.05
C MET A 382 13.07 -21.55 6.51
N THR A 383 12.52 -20.52 5.89
CA THR A 383 13.34 -19.42 5.36
C THR A 383 13.71 -18.50 6.52
N GLY A 384 14.70 -17.63 6.31
CA GLY A 384 15.09 -16.71 7.35
C GLY A 384 13.91 -15.85 7.78
N GLU A 385 13.17 -15.37 6.79
CA GLU A 385 11.99 -14.52 7.03
C GLU A 385 10.94 -15.29 7.84
N PHE A 386 10.41 -16.37 7.26
CA PHE A 386 9.37 -17.12 7.96
C PHE A 386 9.76 -17.32 9.43
N ALA A 387 10.98 -17.73 9.66
CA ALA A 387 11.44 -17.94 11.06
C ALA A 387 11.33 -16.62 11.82
N ASP A 388 11.73 -15.52 11.18
CA ASP A 388 11.71 -14.20 11.83
C ASP A 388 10.28 -13.71 12.07
N ILE A 389 9.35 -14.20 11.27
CA ILE A 389 7.95 -13.77 11.45
C ILE A 389 7.38 -14.55 12.64
N MET A 390 7.73 -15.83 12.73
CA MET A 390 7.26 -16.70 13.81
C MET A 390 7.90 -16.27 15.13
N LEU A 391 9.14 -15.78 15.06
CA LEU A 391 9.83 -15.35 16.28
C LEU A 391 9.37 -13.94 16.66
N GLY A 392 8.57 -13.32 15.79
CA GLY A 392 8.05 -11.99 16.03
C GLY A 392 8.92 -10.78 15.68
N TYR A 393 9.85 -10.93 14.73
CA TYR A 393 10.72 -9.80 14.37
C TYR A 393 10.06 -8.89 13.35
N TYR A 394 8.80 -9.13 13.05
CA TYR A 394 8.07 -8.23 12.14
C TYR A 394 6.97 -7.54 12.96
N GLY A 395 6.67 -8.15 14.12
CA GLY A 395 5.65 -7.62 15.02
C GLY A 395 4.71 -8.69 15.52
N ALA A 396 3.59 -8.26 16.12
CA ALA A 396 2.59 -9.20 16.65
C ALA A 396 1.57 -9.56 15.57
N SER A 397 1.18 -10.83 15.51
CA SER A 397 0.21 -11.30 14.51
C SER A 397 -1.21 -11.01 15.00
N PRO A 398 -2.18 -10.97 14.07
CA PRO A 398 -3.56 -10.70 14.48
C PRO A 398 -4.05 -11.73 15.50
N ALA A 399 -3.50 -12.93 15.43
CA ALA A 399 -3.86 -14.01 16.35
C ALA A 399 -2.57 -14.62 16.89
N ASP A 400 -2.68 -15.64 17.74
CA ASP A 400 -1.47 -16.27 18.29
C ASP A 400 -0.89 -17.26 17.28
N ARG A 401 0.43 -17.30 17.25
CA ARG A 401 1.18 -18.18 16.34
C ARG A 401 1.35 -19.56 17.00
N ASP A 402 1.24 -20.61 16.21
CA ASP A 402 1.36 -22.00 16.70
C ASP A 402 2.59 -22.13 17.61
N PRO A 403 2.40 -22.13 18.93
CA PRO A 403 3.58 -22.26 19.78
C PRO A 403 4.52 -23.38 19.31
N LYS A 404 3.93 -24.44 18.77
CA LYS A 404 4.72 -25.58 18.28
C LYS A 404 5.78 -25.06 17.31
N VAL A 405 5.28 -24.44 16.24
CA VAL A 405 6.12 -23.89 15.16
C VAL A 405 7.04 -22.79 15.70
N VAL A 406 6.53 -21.93 16.56
CA VAL A 406 7.38 -20.87 17.14
C VAL A 406 8.64 -21.52 17.71
N LYS A 407 8.43 -22.52 18.56
CA LYS A 407 9.53 -23.26 19.19
C LYS A 407 10.50 -23.74 18.10
N LEU A 408 9.94 -24.40 17.09
CA LEU A 408 10.74 -24.95 15.98
C LEU A 408 11.56 -23.85 15.31
N ALA A 409 10.94 -22.69 15.08
CA ALA A 409 11.67 -21.59 14.44
C ALA A 409 12.94 -21.34 15.25
N GLU A 410 12.74 -20.86 16.47
CA GLU A 410 13.87 -20.56 17.37
C GLU A 410 14.89 -21.69 17.33
N GLU A 411 14.41 -22.92 17.20
CA GLU A 411 15.35 -24.06 17.19
C GLU A 411 16.10 -24.15 15.86
N GLN A 412 15.40 -23.90 14.76
CA GLN A 412 16.03 -24.00 13.44
C GLN A 412 17.04 -22.88 13.24
N SER A 413 16.62 -21.64 13.42
CA SER A 413 17.50 -20.49 13.21
C SER A 413 18.53 -20.39 14.34
N GLY A 414 18.05 -20.05 15.52
CA GLY A 414 18.91 -19.90 16.66
C GLY A 414 18.62 -18.57 17.28
N LYS A 415 17.65 -17.84 16.72
CA LYS A 415 17.29 -16.52 17.26
C LYS A 415 16.37 -16.64 18.47
N LYS A 416 16.37 -15.55 19.22
CA LYS A 416 15.58 -15.34 20.44
C LYS A 416 14.16 -14.91 20.07
N PRO A 417 13.15 -15.52 20.70
CA PRO A 417 11.75 -15.15 20.40
C PRO A 417 11.39 -13.86 21.14
N ILE A 418 10.94 -12.85 20.40
CA ILE A 418 10.56 -11.57 21.02
C ILE A 418 9.09 -11.26 20.74
N THR A 419 8.53 -10.31 21.47
CA THR A 419 7.12 -9.94 21.28
C THR A 419 6.92 -8.43 21.44
N GLN A 420 8.00 -7.68 21.62
CA GLN A 420 7.86 -6.22 21.77
C GLN A 420 8.17 -5.55 20.42
N ARG A 421 7.78 -4.28 20.27
CA ARG A 421 8.01 -3.55 19.02
C ARG A 421 9.43 -3.82 18.55
N PRO A 422 9.58 -4.51 17.41
CA PRO A 422 10.90 -4.85 16.85
C PRO A 422 11.87 -3.66 16.67
N ALA A 423 11.37 -2.45 16.87
CA ALA A 423 12.20 -1.26 16.70
C ALA A 423 12.82 -0.83 18.03
N ASP A 424 12.31 -1.38 19.13
CA ASP A 424 12.82 -1.05 20.47
C ASP A 424 14.27 -1.51 20.62
N LEU A 425 14.58 -2.69 20.07
CA LEU A 425 15.93 -3.24 20.18
C LEU A 425 16.76 -2.88 18.95
N LEU A 426 16.55 -1.69 18.40
CA LEU A 426 17.35 -1.26 17.24
C LEU A 426 18.19 -0.04 17.63
N PRO A 427 19.47 -0.06 17.26
CA PRO A 427 20.46 0.99 17.53
C PRO A 427 20.34 2.20 16.61
N PRO A 428 20.87 3.35 17.06
CA PRO A 428 20.81 4.58 16.24
C PRO A 428 21.64 4.24 15.02
N GLU A 429 21.16 4.57 13.83
CA GLU A 429 21.92 4.19 12.63
C GLU A 429 22.10 5.36 11.68
N TRP A 430 21.55 6.53 12.01
CA TRP A 430 21.64 7.65 11.09
C TRP A 430 23.09 7.93 10.69
N GLU A 431 23.84 8.50 11.61
CA GLU A 431 25.25 8.86 11.36
C GLU A 431 25.89 7.78 10.48
N LYS A 432 25.85 6.53 10.92
CA LYS A 432 26.44 5.42 10.17
C LYS A 432 25.97 5.46 8.71
N GLN A 433 24.68 5.67 8.52
CA GLN A 433 24.15 5.75 7.16
C GLN A 433 24.80 6.95 6.45
N SER A 434 24.77 8.11 7.10
CA SER A 434 25.34 9.33 6.55
C SER A 434 26.79 9.11 6.12
N LYS A 435 27.57 8.54 7.03
CA LYS A 435 28.99 8.26 6.79
C LYS A 435 29.19 7.49 5.49
N GLU A 436 28.51 6.35 5.37
CA GLU A 436 28.63 5.46 4.21
C GLU A 436 28.09 6.12 2.94
N ALA A 437 27.03 6.91 3.07
CA ALA A 437 26.43 7.56 1.90
C ALA A 437 27.32 8.69 1.38
N ALA A 438 28.14 9.25 2.27
CA ALA A 438 29.03 10.37 1.91
C ALA A 438 30.30 9.83 1.24
N THR A 439 30.21 8.67 0.61
CA THR A 439 31.37 8.06 -0.05
C THR A 439 30.95 7.51 -1.41
N LEU A 440 29.70 7.75 -1.79
CA LEU A 440 29.16 7.27 -3.07
C LEU A 440 29.22 8.39 -4.11
N LYS A 441 29.88 8.12 -5.24
CA LYS A 441 30.00 9.12 -6.31
C LYS A 441 28.60 9.56 -6.73
N GLY A 442 28.39 10.87 -6.80
CA GLY A 442 27.08 11.38 -7.17
C GLY A 442 26.27 11.91 -6.01
N PHE A 443 26.60 11.46 -4.79
CA PHE A 443 25.91 11.88 -3.58
C PHE A 443 25.83 13.42 -3.55
N ASN A 444 24.76 13.97 -2.99
CA ASN A 444 24.62 15.44 -2.95
C ASN A 444 24.74 16.00 -1.54
N GLY A 445 24.89 15.12 -0.54
CA GLY A 445 25.05 15.61 0.82
C GLY A 445 23.78 15.92 1.62
N THR A 446 22.64 15.84 0.97
CA THR A 446 21.37 16.11 1.67
C THR A 446 20.98 14.89 2.49
N ASP A 447 20.12 15.11 3.49
CA ASP A 447 19.64 13.96 4.26
C ASP A 447 18.81 13.09 3.30
N GLU A 448 18.20 13.74 2.32
CA GLU A 448 17.42 13.05 1.27
C GLU A 448 18.28 11.94 0.66
N ASP A 449 19.40 12.32 0.03
CA ASP A 449 20.27 11.30 -0.58
C ASP A 449 20.69 10.26 0.45
N VAL A 450 20.79 10.68 1.72
CA VAL A 450 21.17 9.72 2.76
C VAL A 450 20.02 8.73 2.96
N LEU A 451 18.80 9.26 3.03
CA LEU A 451 17.63 8.39 3.22
C LEU A 451 17.56 7.35 2.10
N THR A 452 17.81 7.79 0.87
CA THR A 452 17.79 6.88 -0.29
C THR A 452 18.79 5.74 -0.10
N TYR A 453 19.95 6.03 0.48
CA TYR A 453 20.96 4.99 0.68
C TYR A 453 20.53 4.05 1.81
N ALA A 454 19.92 4.62 2.84
CA ALA A 454 19.47 3.86 4.01
C ALA A 454 18.31 2.94 3.62
N LEU A 455 17.46 3.43 2.71
CA LEU A 455 16.31 2.64 2.26
C LEU A 455 16.74 1.63 1.19
N PHE A 456 17.54 2.06 0.22
CA PHE A 456 17.97 1.17 -0.88
C PHE A 456 19.49 1.16 -1.03
N PRO A 457 20.18 0.51 -0.09
CA PRO A 457 21.64 0.41 -0.10
C PRO A 457 22.22 -0.20 -1.37
N GLN A 458 21.45 -1.04 -2.04
CA GLN A 458 21.95 -1.75 -3.24
C GLN A 458 21.76 -0.91 -4.50
N VAL A 459 20.79 0.00 -4.47
CA VAL A 459 20.49 0.81 -5.65
C VAL A 459 21.16 2.19 -5.56
N ALA A 460 21.06 2.82 -4.40
CA ALA A 460 21.62 4.16 -4.16
C ALA A 460 22.94 4.35 -4.90
N PRO A 461 23.81 3.33 -4.93
CA PRO A 461 25.07 3.53 -5.63
C PRO A 461 24.93 3.84 -7.13
N VAL A 462 24.29 2.93 -7.85
CA VAL A 462 24.10 3.07 -9.30
C VAL A 462 23.28 4.31 -9.63
N PHE A 463 22.23 4.60 -8.86
CA PHE A 463 21.38 5.76 -9.13
C PHE A 463 22.16 7.08 -9.00
N PHE A 464 22.86 7.23 -7.88
CA PHE A 464 23.64 8.45 -7.62
C PHE A 464 24.64 8.72 -8.74
N GLU A 465 25.11 7.67 -9.39
CA GLU A 465 26.09 7.83 -10.47
C GLU A 465 25.41 8.19 -11.78
N HIS A 466 24.13 7.87 -11.93
CA HIS A 466 23.48 8.16 -13.21
C HIS A 466 22.47 9.31 -13.12
N ARG A 467 22.01 9.64 -11.91
CA ARG A 467 21.01 10.69 -11.72
C ARG A 467 21.26 11.93 -12.59
N ALA A 468 22.51 12.33 -12.80
CA ALA A 468 22.78 13.53 -13.59
C ALA A 468 22.25 13.39 -15.02
N GLU A 469 22.06 12.16 -15.50
CA GLU A 469 21.57 11.90 -16.86
C GLU A 469 20.11 12.33 -17.01
N GLY A 470 19.45 12.60 -15.88
CA GLY A 470 18.06 13.02 -15.92
C GLY A 470 17.14 11.80 -15.91
N PRO A 471 15.89 11.97 -15.44
CA PRO A 471 14.97 10.83 -15.41
C PRO A 471 14.67 10.34 -16.83
N HIS A 472 14.40 9.05 -16.95
CA HIS A 472 14.09 8.44 -18.24
C HIS A 472 12.73 7.75 -18.15
N SER A 473 12.43 6.93 -19.16
CA SER A 473 11.17 6.18 -19.22
C SER A 473 11.45 4.80 -19.81
N VAL A 474 10.69 3.82 -19.38
CA VAL A 474 10.83 2.45 -19.90
C VAL A 474 9.56 2.10 -20.68
N ALA A 475 8.80 3.13 -21.02
CA ALA A 475 7.55 2.93 -21.77
C ALA A 475 7.87 2.99 -23.26
N LEU A 476 7.00 2.40 -24.07
CA LEU A 476 7.20 2.42 -25.52
C LEU A 476 7.07 3.88 -25.98
N THR A 477 7.82 4.24 -27.02
CA THR A 477 7.76 5.63 -27.50
C THR A 477 6.63 5.74 -28.52
N ASP A 478 6.12 6.94 -28.71
CA ASP A 478 5.03 7.11 -29.68
C ASP A 478 5.48 6.52 -31.03
N ALA A 479 6.80 6.46 -31.20
CA ALA A 479 7.40 5.91 -32.42
C ALA A 479 7.22 4.38 -32.44
N GLN A 480 7.32 3.79 -31.26
CA GLN A 480 7.19 2.33 -31.13
C GLN A 480 5.73 1.88 -31.22
N LEU A 481 4.82 2.61 -30.58
CA LEU A 481 3.40 2.23 -30.67
C LEU A 481 3.04 2.07 -32.14
N LYS A 482 3.49 3.05 -32.92
CA LYS A 482 3.26 3.16 -34.37
C LYS A 482 3.86 1.95 -35.09
N ALA A 483 5.19 1.87 -35.07
CA ALA A 483 5.95 0.82 -35.76
C ALA A 483 5.50 -0.59 -35.34
N GLU A 484 4.59 -0.69 -34.38
CA GLU A 484 4.11 -2.01 -33.95
C GLU A 484 2.68 -2.20 -34.45
N ALA A 485 1.76 -1.43 -33.88
CA ALA A 485 0.34 -1.51 -34.29
C ALA A 485 0.13 -0.70 -35.57
CO CO B . -3.87 0.28 -2.89
#